data_6YT3
#
_entry.id   6YT3
#
_cell.length_a   165.697
_cell.length_b   165.697
_cell.length_c   352.162
_cell.angle_alpha   90.000
_cell.angle_beta   90.000
_cell.angle_gamma   120.000
#
_symmetry.space_group_name_H-M   'H 3 2'
#
loop_
_entity.id
_entity.type
_entity.pdbx_description
1 polymer 'Molybdenum storage protein subunit alpha'
2 polymer 'Thioredoxin,Molybdenum storage protein subunit beta'
3 non-polymer "ADENOSINE-5'-TRIPHOSPHATE"
4 non-polymer 'MAGNESIUM ION'
5 water water
#
loop_
_entity_poly.entity_id
_entity_poly.type
_entity_poly.pdbx_seq_one_letter_code
_entity_poly.pdbx_strand_id
1 'polypeptide(L)'
;MTDTTNSIKHVISPLARQTLQDRDLTRPVAGKRPIRLLPWLQVVKIGGRVMDRGADAILPLVEELRKLLPEHRLLILTGA
GVRARHVFSVGLDLGLPVGSLAPLAASEAGQNGHILAAMLASEGVSYVEHPTVADQLAIHLSATRAVVGSAFPPYHHHEF
PGSRIPPHRADTGAFLLADAFGAAGLTIVENVDGIYTADPNGPDRGQARFLPETSATDLAKSEGPLPVDRALLDVMATAR
HIERVQVVNGLVPGRLTAALRGEHVGTLIRTGVRPAENLYFQGSAWSHPQFEK
;
A
2 'polypeptide(L)'
;MGSDKIIHLTDDSFDTDVLKADGAILVDFWAEWCGPCKMIAPILDEIADEYQGKLTVAKLNIDQNPGTAPKYGIRGIPTL
LLFKNGEVAATKVGALSKGQLKEFLDANLEEEKRKREEELLMQRSLTDPQLQAAAAAAADFRILPDATVIKIGGQSVIDR
GRAAVYPLVDEIVAARKNHKLLIGTGAGTRARHLYSIAAGLGLPAGVLAQLGSSVADQNAAMLGQLLAKHGIPVVGGAGL
SAVPLSLAEVNAVVFSGMPPYKLWMRPAAEGVIPPYRTDAGCFLLAEQFGCKQMIFVKDEDGLYTANPKTSKDATFIPRI
SVDEMKAKGLHDSILEFPVLDLLQSAQHVREVQVVNGLVPGNLTRALAGEHVGTIITAS
;
B
#
# COMPACT_ATOMS: atom_id res chain seq x y z
N PRO A 34 27.33 7.19 7.98
CA PRO A 34 26.58 6.06 8.56
C PRO A 34 27.34 4.76 8.36
N ILE A 35 27.56 4.02 9.47
CA ILE A 35 28.31 2.75 9.51
C ILE A 35 27.53 1.58 8.89
N ARG A 36 28.27 0.64 8.30
CA ARG A 36 27.70 -0.58 7.72
C ARG A 36 27.62 -1.56 8.89
N LEU A 37 26.40 -1.93 9.30
CA LEU A 37 26.16 -2.84 10.43
C LEU A 37 26.67 -4.25 10.21
N LEU A 38 26.23 -4.93 9.12
CA LEU A 38 26.66 -6.27 8.72
C LEU A 38 27.20 -6.17 7.28
N PRO A 39 28.44 -5.67 7.09
CA PRO A 39 28.97 -5.45 5.73
C PRO A 39 29.21 -6.70 4.88
N TRP A 40 29.31 -7.87 5.54
CA TRP A 40 29.54 -9.18 4.96
C TRP A 40 28.24 -9.89 4.52
N LEU A 41 27.08 -9.25 4.79
CA LEU A 41 25.75 -9.76 4.48
C LEU A 41 25.40 -9.66 3.00
N GLN A 42 24.75 -10.71 2.46
CA GLN A 42 24.27 -10.77 1.09
C GLN A 42 22.76 -10.94 1.13
N VAL A 43 22.04 -9.89 0.73
CA VAL A 43 20.59 -9.96 0.78
C VAL A 43 20.05 -10.42 -0.58
N VAL A 44 19.20 -11.45 -0.56
CA VAL A 44 18.61 -12.02 -1.77
C VAL A 44 17.11 -12.08 -1.60
N LYS A 45 16.41 -11.39 -2.51
CA LYS A 45 14.97 -11.36 -2.53
C LYS A 45 14.50 -12.30 -3.60
N ILE A 46 13.60 -13.22 -3.23
CA ILE A 46 13.00 -14.21 -4.12
C ILE A 46 11.65 -13.69 -4.40
N GLY A 47 11.33 -13.56 -5.67
CA GLY A 47 10.03 -13.06 -6.11
C GLY A 47 8.89 -13.98 -5.73
N GLY A 48 7.78 -13.38 -5.32
CA GLY A 48 6.56 -14.09 -4.95
C GLY A 48 6.01 -14.91 -6.10
N ARG A 49 6.03 -14.35 -7.31
CA ARG A 49 5.57 -15.04 -8.52
C ARG A 49 6.45 -16.21 -8.91
N VAL A 50 7.69 -16.27 -8.36
CA VAL A 50 8.64 -17.36 -8.62
C VAL A 50 8.21 -18.52 -7.72
N MET A 51 7.84 -18.19 -6.47
CA MET A 51 7.34 -19.15 -5.49
C MET A 51 6.08 -19.78 -6.08
N ASP A 52 5.15 -18.93 -6.57
CA ASP A 52 3.89 -19.35 -7.17
C ASP A 52 4.02 -20.40 -8.27
N ARG A 53 5.23 -20.56 -8.86
CA ARG A 53 5.50 -21.52 -9.92
C ARG A 53 5.63 -22.96 -9.41
N GLY A 54 5.76 -23.10 -8.09
CA GLY A 54 5.88 -24.40 -7.44
C GLY A 54 7.19 -25.12 -7.64
N ALA A 55 7.15 -26.46 -7.45
CA ALA A 55 8.27 -27.40 -7.53
C ALA A 55 9.20 -27.20 -8.74
N ASP A 56 8.63 -26.86 -9.92
CA ASP A 56 9.41 -26.62 -11.13
C ASP A 56 10.41 -25.47 -11.02
N ALA A 57 10.05 -24.40 -10.29
CA ALA A 57 10.94 -23.26 -10.10
C ALA A 57 11.69 -23.36 -8.80
N ILE A 58 10.96 -23.77 -7.73
CA ILE A 58 11.46 -23.88 -6.35
C ILE A 58 12.57 -24.93 -6.20
N LEU A 59 12.34 -26.21 -6.60
CA LEU A 59 13.32 -27.28 -6.46
C LEU A 59 14.71 -26.91 -7.02
N PRO A 60 14.84 -26.38 -8.28
CA PRO A 60 16.17 -25.99 -8.79
C PRO A 60 16.80 -24.85 -7.99
N LEU A 61 15.97 -23.86 -7.61
CA LEU A 61 16.38 -22.70 -6.86
C LEU A 61 16.90 -23.11 -5.47
N VAL A 62 16.29 -24.14 -4.85
CA VAL A 62 16.70 -24.67 -3.55
C VAL A 62 18.07 -25.29 -3.72
N GLU A 63 18.34 -25.99 -4.86
CA GLU A 63 19.67 -26.55 -5.09
C GLU A 63 20.69 -25.48 -5.31
N GLU A 64 20.33 -24.41 -6.04
CA GLU A 64 21.24 -23.29 -6.29
C GLU A 64 21.58 -22.66 -4.94
N LEU A 65 20.54 -22.35 -4.12
CA LEU A 65 20.69 -21.80 -2.77
C LEU A 65 21.53 -22.68 -1.85
N ARG A 66 21.32 -24.01 -1.92
CA ARG A 66 22.07 -24.99 -1.12
CA ARG A 66 22.06 -25.02 -1.15
C ARG A 66 23.56 -24.79 -1.39
N LYS A 67 23.97 -24.88 -2.67
CA LYS A 67 25.36 -24.74 -3.14
C LYS A 67 25.98 -23.39 -2.81
N LEU A 68 25.16 -22.37 -2.48
CA LEU A 68 25.58 -21.01 -2.18
C LEU A 68 25.94 -20.76 -0.74
N LEU A 69 25.37 -21.54 0.16
CA LEU A 69 25.62 -21.45 1.60
C LEU A 69 27.11 -21.51 1.96
N PRO A 70 27.98 -22.38 1.40
CA PRO A 70 29.40 -22.33 1.81
C PRO A 70 30.19 -21.17 1.18
N GLU A 71 29.50 -20.35 0.36
CA GLU A 71 30.09 -19.21 -0.31
C GLU A 71 29.68 -17.89 0.35
N HIS A 72 28.39 -17.70 0.64
CA HIS A 72 27.92 -16.45 1.21
C HIS A 72 27.10 -16.59 2.49
N ARG A 73 26.99 -15.47 3.26
CA ARG A 73 26.16 -15.44 4.46
C ARG A 73 24.92 -14.70 4.05
N LEU A 74 23.91 -15.48 3.60
CA LEU A 74 22.66 -15.00 3.01
C LEU A 74 21.50 -14.74 3.94
N LEU A 75 20.76 -13.67 3.65
CA LEU A 75 19.49 -13.36 4.26
C LEU A 75 18.57 -13.44 3.04
N ILE A 76 17.72 -14.48 3.00
CA ILE A 76 16.84 -14.78 1.90
C ILE A 76 15.46 -14.25 2.24
N LEU A 77 15.06 -13.14 1.62
CA LEU A 77 13.76 -12.52 1.87
C LEU A 77 12.81 -12.87 0.75
N THR A 78 11.59 -13.21 1.08
CA THR A 78 10.62 -13.75 0.14
C THR A 78 9.39 -12.85 -0.09
N GLY A 79 9.03 -12.67 -1.38
CA GLY A 79 7.88 -11.88 -1.84
C GLY A 79 6.53 -12.56 -1.67
N ALA A 80 5.41 -11.86 -2.03
CA ALA A 80 4.05 -12.36 -1.83
C ALA A 80 3.42 -13.12 -3.00
N GLY A 81 3.49 -12.54 -4.19
CA GLY A 81 2.93 -13.18 -5.37
C GLY A 81 1.45 -13.00 -5.56
N VAL A 82 0.79 -14.02 -6.16
CA VAL A 82 -0.61 -14.04 -6.60
C VAL A 82 -1.63 -14.06 -5.45
N ARG A 83 -1.34 -14.73 -4.30
CA ARG A 83 -2.29 -14.78 -3.18
C ARG A 83 -2.57 -13.39 -2.62
N ALA A 84 -1.54 -12.50 -2.60
CA ALA A 84 -1.69 -11.10 -2.18
C ALA A 84 -2.73 -10.42 -3.05
N ARG A 85 -2.82 -10.77 -4.34
CA ARG A 85 -3.80 -10.20 -5.27
C ARG A 85 -5.17 -10.62 -4.87
N HIS A 86 -5.34 -11.91 -4.52
CA HIS A 86 -6.65 -12.39 -4.08
C HIS A 86 -7.08 -11.75 -2.76
N VAL A 87 -6.12 -11.48 -1.83
CA VAL A 87 -6.44 -10.82 -0.57
C VAL A 87 -6.81 -9.34 -0.83
N PHE A 88 -6.25 -8.77 -1.93
CA PHE A 88 -6.54 -7.40 -2.37
C PHE A 88 -7.93 -7.35 -3.00
N SER A 89 -8.27 -8.34 -3.86
CA SER A 89 -9.59 -8.40 -4.52
C SER A 89 -10.73 -8.56 -3.54
N VAL A 90 -10.48 -9.28 -2.41
CA VAL A 90 -11.49 -9.49 -1.35
C VAL A 90 -11.53 -8.27 -0.43
N GLY A 91 -10.34 -7.79 -0.06
CA GLY A 91 -10.13 -6.65 0.82
C GLY A 91 -10.68 -5.38 0.26
N LEU A 92 -10.42 -5.12 -1.03
CA LEU A 92 -10.96 -3.92 -1.68
C LEU A 92 -12.46 -4.04 -1.89
N ASP A 93 -12.99 -5.27 -2.16
CA ASP A 93 -14.43 -5.48 -2.34
C ASP A 93 -15.17 -5.18 -1.04
N LEU A 94 -14.47 -5.36 0.11
CA LEU A 94 -14.96 -5.04 1.45
C LEU A 94 -14.77 -3.54 1.79
N GLY A 95 -14.00 -2.83 0.95
CA GLY A 95 -13.75 -1.39 1.08
C GLY A 95 -12.63 -1.06 2.03
N LEU A 96 -11.83 -2.06 2.41
CA LEU A 96 -10.75 -1.91 3.38
C LEU A 96 -9.64 -0.95 2.92
N PRO A 97 -9.12 -0.10 3.84
CA PRO A 97 -8.06 0.85 3.44
C PRO A 97 -6.69 0.22 3.18
N VAL A 98 -5.74 1.01 2.66
CA VAL A 98 -4.38 0.57 2.33
C VAL A 98 -3.66 -0.10 3.55
N GLY A 99 -3.77 0.53 4.73
CA GLY A 99 -3.17 0.05 5.97
C GLY A 99 -3.71 -1.26 6.48
N SER A 100 -4.87 -1.70 5.95
CA SER A 100 -5.47 -2.98 6.27
C SER A 100 -4.92 -4.03 5.33
N LEU A 101 -4.77 -3.64 4.04
CA LEU A 101 -4.29 -4.49 2.96
C LEU A 101 -2.83 -4.83 3.05
N ALA A 102 -1.98 -3.89 3.52
CA ALA A 102 -0.55 -4.15 3.65
C ALA A 102 -0.24 -5.36 4.57
N PRO A 103 -0.78 -5.46 5.84
CA PRO A 103 -0.48 -6.65 6.67
C PRO A 103 -0.87 -7.95 6.00
N LEU A 104 -2.05 -7.93 5.34
CA LEU A 104 -2.68 -9.02 4.59
C LEU A 104 -1.77 -9.49 3.48
N ALA A 105 -1.26 -8.54 2.67
CA ALA A 105 -0.33 -8.79 1.58
C ALA A 105 0.94 -9.36 2.14
N ALA A 106 1.47 -8.72 3.21
CA ALA A 106 2.69 -9.08 3.90
C ALA A 106 2.64 -10.50 4.44
N SER A 107 1.46 -10.94 4.89
CA SER A 107 1.25 -12.30 5.41
C SER A 107 1.60 -13.35 4.35
N GLU A 108 1.22 -13.08 3.07
CA GLU A 108 1.49 -14.00 1.96
C GLU A 108 2.97 -14.19 1.73
N ALA A 109 3.75 -13.10 1.84
CA ALA A 109 5.20 -13.15 1.72
C ALA A 109 5.78 -14.02 2.85
N GLY A 110 5.19 -13.90 4.04
CA GLY A 110 5.55 -14.67 5.21
C GLY A 110 5.34 -16.15 4.97
N GLN A 111 4.31 -16.53 4.22
CA GLN A 111 4.02 -17.94 3.95
C GLN A 111 4.97 -18.57 2.94
N ASN A 112 5.37 -17.83 1.86
CA ASN A 112 6.31 -18.33 0.85
C ASN A 112 7.65 -18.59 1.53
N GLY A 113 7.95 -17.76 2.55
CA GLY A 113 9.13 -17.85 3.38
C GLY A 113 9.18 -19.13 4.18
N HIS A 114 8.04 -19.51 4.81
CA HIS A 114 7.94 -20.76 5.57
C HIS A 114 8.14 -21.97 4.64
N ILE A 115 7.60 -21.87 3.40
CA ILE A 115 7.73 -22.87 2.35
C ILE A 115 9.20 -23.03 2.02
N LEU A 116 9.86 -21.95 1.55
CA LEU A 116 11.28 -21.97 1.16
C LEU A 116 12.19 -22.48 2.29
N ALA A 117 12.01 -21.94 3.51
CA ALA A 117 12.79 -22.37 4.66
C ALA A 117 12.65 -23.86 4.97
N ALA A 118 11.45 -24.45 4.73
CA ALA A 118 11.19 -25.87 4.97
C ALA A 118 12.06 -26.73 4.07
N MET A 119 12.22 -26.31 2.79
CA MET A 119 13.05 -26.99 1.76
C MET A 119 14.52 -26.97 2.11
N LEU A 120 14.96 -25.92 2.83
CA LEU A 120 16.35 -25.72 3.26
C LEU A 120 16.57 -26.08 4.75
N ALA A 121 15.57 -26.69 5.43
CA ALA A 121 15.69 -27.02 6.85
C ALA A 121 16.82 -27.98 7.14
N SER A 122 17.02 -29.00 6.30
CA SER A 122 18.10 -30.00 6.43
C SER A 122 19.51 -29.34 6.37
N GLU A 123 19.58 -28.10 5.82
CA GLU A 123 20.80 -27.32 5.71
C GLU A 123 20.91 -26.34 6.87
N GLY A 124 20.05 -26.52 7.87
CA GLY A 124 20.01 -25.70 9.08
C GLY A 124 19.44 -24.30 8.92
N VAL A 125 18.70 -24.08 7.82
CA VAL A 125 18.03 -22.83 7.48
C VAL A 125 16.59 -22.82 8.05
N SER A 126 16.19 -21.69 8.67
CA SER A 126 14.85 -21.50 9.22
C SER A 126 14.27 -20.12 8.87
N TYR A 127 12.93 -20.01 8.80
CA TYR A 127 12.25 -18.73 8.58
C TYR A 127 12.26 -18.05 9.93
N VAL A 128 12.55 -16.79 9.93
CA VAL A 128 12.63 -16.03 11.15
C VAL A 128 11.68 -14.82 11.02
N GLU A 129 11.02 -14.40 12.12
CA GLU A 129 10.03 -13.29 12.07
C GLU A 129 10.66 -11.87 12.05
N HIS A 130 9.87 -10.84 11.64
CA HIS A 130 10.30 -9.43 11.58
C HIS A 130 11.01 -8.93 12.88
N PRO A 131 10.51 -9.20 14.11
CA PRO A 131 11.25 -8.73 15.30
C PRO A 131 12.65 -9.35 15.45
N THR A 132 12.80 -10.61 15.02
CA THR A 132 14.07 -11.33 15.07
C THR A 132 15.04 -10.83 14.00
N VAL A 133 14.52 -10.44 12.81
CA VAL A 133 15.38 -9.92 11.74
C VAL A 133 15.99 -8.60 12.26
N ALA A 134 15.13 -7.69 12.72
CA ALA A 134 15.53 -6.37 13.22
C ALA A 134 16.51 -6.38 14.38
N ASP A 135 16.42 -7.37 15.29
CA ASP A 135 17.25 -7.36 16.48
C ASP A 135 18.25 -8.50 16.67
N GLN A 136 17.94 -9.74 16.26
CA GLN A 136 18.82 -10.87 16.52
CA GLN A 136 18.77 -10.91 16.51
C GLN A 136 19.41 -11.51 15.26
N LEU A 137 19.46 -10.78 14.12
CA LEU A 137 20.04 -11.36 12.90
C LEU A 137 21.53 -11.77 13.03
N ALA A 138 22.35 -10.96 13.75
CA ALA A 138 23.77 -11.27 13.90
C ALA A 138 23.96 -12.62 14.60
N ILE A 139 23.13 -12.95 15.61
CA ILE A 139 23.22 -14.26 16.30
C ILE A 139 22.78 -15.36 15.36
N HIS A 140 21.66 -15.15 14.65
CA HIS A 140 21.13 -16.17 13.76
C HIS A 140 22.06 -16.44 12.62
N LEU A 141 22.81 -15.44 12.17
CA LEU A 141 23.77 -15.68 11.09
C LEU A 141 25.10 -16.19 11.61
N SER A 142 25.36 -16.15 12.94
CA SER A 142 26.57 -16.74 13.55
C SER A 142 26.28 -18.24 13.76
N ALA A 143 25.00 -18.57 13.96
CA ALA A 143 24.45 -19.91 14.16
C ALA A 143 24.32 -20.71 12.85
N THR A 144 23.76 -20.10 11.78
CA THR A 144 23.58 -20.79 10.51
C THR A 144 24.12 -19.95 9.35
N ARG A 145 24.26 -20.56 8.17
CA ARG A 145 24.79 -19.87 7.00
CA ARG A 145 24.79 -19.89 6.99
C ARG A 145 23.79 -18.92 6.37
N ALA A 146 22.47 -19.28 6.40
CA ALA A 146 21.40 -18.45 5.87
C ALA A 146 20.10 -18.49 6.65
N VAL A 147 19.35 -17.38 6.63
CA VAL A 147 18.01 -17.31 7.23
C VAL A 147 17.01 -16.78 6.22
N VAL A 148 15.76 -17.25 6.29
CA VAL A 148 14.65 -16.78 5.44
C VAL A 148 13.81 -15.80 6.28
N GLY A 149 13.32 -14.75 5.66
CA GLY A 149 12.49 -13.75 6.32
C GLY A 149 11.49 -13.19 5.32
N SER A 150 10.49 -12.44 5.77
CA SER A 150 9.55 -11.85 4.83
C SER A 150 10.20 -10.65 4.18
N ALA A 151 10.01 -10.46 2.84
CA ALA A 151 10.59 -9.33 2.12
C ALA A 151 9.91 -8.03 2.54
N PHE A 152 8.56 -8.05 2.61
CA PHE A 152 7.66 -6.96 3.00
C PHE A 152 8.05 -6.31 4.31
N PRO A 153 7.93 -4.95 4.43
CA PRO A 153 8.29 -4.30 5.69
C PRO A 153 7.14 -4.33 6.70
N PRO A 154 7.37 -4.19 8.03
CA PRO A 154 6.25 -4.21 8.99
C PRO A 154 5.54 -2.86 9.17
N TYR A 155 5.11 -2.25 8.05
CA TYR A 155 4.42 -0.96 8.09
C TYR A 155 3.00 -1.10 8.67
N HIS A 156 2.38 -2.29 8.54
CA HIS A 156 1.05 -2.62 9.07
C HIS A 156 0.05 -1.49 8.78
N HIS A 157 -0.62 -0.92 9.84
CA HIS A 157 -1.59 0.17 9.74
C HIS A 157 -0.95 1.45 9.25
N HIS A 158 0.36 1.61 9.51
CA HIS A 158 1.11 2.82 9.20
C HIS A 158 1.63 2.92 7.76
N GLU A 159 1.02 2.16 6.84
CA GLU A 159 1.33 2.22 5.41
C GLU A 159 0.86 3.59 4.87
N PHE A 160 1.57 4.12 3.88
CA PHE A 160 1.31 5.43 3.28
C PHE A 160 0.01 5.46 2.45
N PRO A 161 -0.77 6.56 2.53
CA PRO A 161 -2.00 6.63 1.74
C PRO A 161 -1.76 7.10 0.29
N GLY A 162 -2.84 7.41 -0.41
CA GLY A 162 -2.80 7.87 -1.80
C GLY A 162 -3.27 6.79 -2.74
N SER A 163 -2.66 5.61 -2.64
CA SER A 163 -3.04 4.46 -3.43
C SER A 163 -3.70 3.45 -2.54
N ARG A 164 -4.75 2.82 -3.07
CA ARG A 164 -5.48 1.76 -2.39
C ARG A 164 -4.65 0.47 -2.30
N ILE A 165 -3.51 0.40 -3.04
CA ILE A 165 -2.56 -0.72 -3.07
C ILE A 165 -1.32 -0.33 -2.27
N PRO A 166 -0.88 -1.17 -1.28
CA PRO A 166 0.32 -0.82 -0.50
C PRO A 166 1.54 -0.47 -1.36
N PRO A 167 2.16 0.72 -1.16
CA PRO A 167 3.34 1.07 -1.97
C PRO A 167 4.61 0.33 -1.56
N HIS A 168 4.89 0.22 -0.24
CA HIS A 168 6.08 -0.45 0.33
C HIS A 168 5.84 -1.93 0.41
N ARG A 169 6.22 -2.62 -0.69
CA ARG A 169 6.02 -4.05 -0.88
C ARG A 169 7.30 -4.83 -0.69
N ALA A 170 7.45 -5.96 -1.41
CA ALA A 170 8.55 -6.88 -1.27
C ALA A 170 9.92 -6.31 -1.67
N ASP A 171 10.08 -5.80 -2.92
CA ASP A 171 11.34 -5.20 -3.41
C ASP A 171 11.78 -4.02 -2.53
N THR A 172 10.82 -3.15 -2.11
CA THR A 172 11.05 -1.98 -1.26
C THR A 172 11.53 -2.38 0.12
N GLY A 173 10.82 -3.33 0.73
CA GLY A 173 11.17 -3.84 2.06
C GLY A 173 12.56 -4.46 2.12
N ALA A 174 12.94 -5.17 1.02
CA ALA A 174 14.23 -5.86 0.88
C ALA A 174 15.33 -4.83 0.82
N PHE A 175 15.17 -3.81 -0.03
CA PHE A 175 16.12 -2.73 -0.18
C PHE A 175 16.32 -1.89 1.08
N LEU A 176 15.22 -1.48 1.75
CA LEU A 176 15.32 -0.69 2.98
C LEU A 176 16.16 -1.41 4.03
N LEU A 177 15.92 -2.73 4.17
CA LEU A 177 16.61 -3.60 5.11
C LEU A 177 18.06 -3.83 4.66
N ALA A 178 18.29 -4.12 3.35
CA ALA A 178 19.63 -4.38 2.79
C ALA A 178 20.50 -3.14 2.96
N ASP A 179 19.97 -1.95 2.65
CA ASP A 179 20.71 -0.71 2.80
C ASP A 179 20.88 -0.34 4.27
N ALA A 180 19.91 -0.68 5.16
CA ALA A 180 19.98 -0.35 6.60
C ALA A 180 21.16 -1.06 7.28
N PHE A 181 21.35 -2.34 6.94
CA PHE A 181 22.38 -3.21 7.49
C PHE A 181 23.73 -2.91 6.87
N GLY A 182 23.75 -2.07 5.84
CA GLY A 182 24.97 -1.73 5.10
C GLY A 182 25.57 -2.97 4.47
N ALA A 183 24.72 -3.86 3.93
CA ALA A 183 25.14 -5.11 3.34
C ALA A 183 25.92 -4.94 2.04
N ALA A 184 26.63 -6.03 1.63
CA ALA A 184 27.45 -6.15 0.43
C ALA A 184 26.58 -6.03 -0.83
N GLY A 185 25.32 -6.41 -0.73
CA GLY A 185 24.44 -6.30 -1.87
C GLY A 185 23.05 -6.87 -1.72
N LEU A 186 22.20 -6.46 -2.68
CA LEU A 186 20.83 -6.90 -2.85
C LEU A 186 20.70 -7.45 -4.27
N THR A 187 20.08 -8.64 -4.37
CA THR A 187 19.83 -9.31 -5.65
C THR A 187 18.35 -9.68 -5.66
N ILE A 188 17.65 -9.20 -6.69
CA ILE A 188 16.24 -9.47 -6.87
C ILE A 188 16.17 -10.65 -7.82
N VAL A 189 15.43 -11.69 -7.42
CA VAL A 189 15.27 -12.93 -8.18
C VAL A 189 13.85 -12.93 -8.72
N GLU A 190 13.71 -12.59 -10.02
CA GLU A 190 12.43 -12.48 -10.75
C GLU A 190 12.20 -13.68 -11.68
N ASN A 191 11.04 -13.69 -12.38
CA ASN A 191 10.68 -14.72 -13.36
C ASN A 191 10.84 -14.18 -14.80
N VAL A 192 11.69 -13.13 -14.94
CA VAL A 192 12.05 -12.46 -16.20
C VAL A 192 13.54 -12.17 -16.18
N ASP A 193 14.15 -11.97 -17.38
CA ASP A 193 15.58 -11.70 -17.54
C ASP A 193 16.04 -10.42 -16.83
N GLY A 194 15.11 -9.48 -16.66
CA GLY A 194 15.34 -8.20 -16.00
C GLY A 194 14.29 -7.17 -16.36
N ILE A 195 14.68 -5.88 -16.35
CA ILE A 195 13.75 -4.81 -16.69
C ILE A 195 13.71 -4.57 -18.22
N TYR A 196 12.49 -4.42 -18.76
CA TYR A 196 12.26 -4.17 -20.17
C TYR A 196 11.53 -2.83 -20.38
N THR A 197 11.51 -2.34 -21.63
CA THR A 197 10.85 -1.09 -22.03
C THR A 197 9.31 -1.20 -21.92
N ALA A 198 8.75 -2.42 -22.09
CA ALA A 198 7.34 -2.79 -21.94
C ALA A 198 7.30 -4.18 -21.30
N ASP A 199 6.14 -4.62 -20.74
CA ASP A 199 5.98 -5.94 -20.11
C ASP A 199 6.32 -7.07 -21.11
N PRO A 200 7.36 -7.89 -20.86
CA PRO A 200 7.70 -8.96 -21.82
C PRO A 200 6.69 -10.11 -21.92
N ASN A 201 5.71 -10.14 -20.99
CA ASN A 201 4.66 -11.14 -20.92
C ASN A 201 3.28 -10.48 -21.11
N GLY A 202 3.29 -9.22 -21.56
CA GLY A 202 2.11 -8.40 -21.83
C GLY A 202 1.74 -8.31 -23.30
N PRO A 203 0.67 -7.53 -23.66
CA PRO A 203 0.25 -7.45 -25.08
C PRO A 203 1.26 -6.84 -26.05
N ASP A 204 2.00 -5.80 -25.60
CA ASP A 204 3.02 -5.11 -26.41
C ASP A 204 4.43 -5.69 -26.17
N ARG A 205 4.51 -7.03 -25.94
CA ARG A 205 5.75 -7.77 -25.68
C ARG A 205 6.74 -7.74 -26.86
N GLY A 206 6.24 -7.52 -28.08
CA GLY A 206 7.06 -7.43 -29.27
C GLY A 206 7.85 -6.14 -29.30
N GLN A 207 7.24 -5.04 -28.80
CA GLN A 207 7.85 -3.70 -28.74
C GLN A 207 8.66 -3.46 -27.45
N ALA A 208 8.89 -4.54 -26.67
CA ALA A 208 9.66 -4.54 -25.42
C ALA A 208 11.09 -4.98 -25.70
N ARG A 209 12.05 -4.18 -25.23
CA ARG A 209 13.48 -4.47 -25.36
C ARG A 209 14.14 -4.46 -23.98
N PHE A 210 15.16 -5.30 -23.82
CA PHE A 210 15.88 -5.49 -22.57
C PHE A 210 16.78 -4.32 -22.22
N LEU A 211 16.86 -4.00 -20.92
CA LEU A 211 17.71 -2.93 -20.36
C LEU A 211 18.79 -3.58 -19.52
N PRO A 212 20.06 -3.68 -19.98
CA PRO A 212 21.09 -4.29 -19.12
C PRO A 212 21.41 -3.43 -17.90
N GLU A 213 21.40 -2.09 -18.09
CA GLU A 213 21.65 -1.11 -17.02
C GLU A 213 20.58 0.00 -16.98
N THR A 214 20.29 0.52 -15.76
CA THR A 214 19.36 1.64 -15.52
C THR A 214 19.70 2.42 -14.28
N SER A 215 19.07 3.58 -14.10
CA SER A 215 19.20 4.42 -12.91
C SER A 215 17.86 4.33 -12.22
N ALA A 216 17.83 4.49 -10.88
CA ALA A 216 16.57 4.51 -10.14
C ALA A 216 15.77 5.74 -10.61
N THR A 217 16.48 6.87 -10.86
CA THR A 217 15.98 8.15 -11.35
C THR A 217 15.29 8.01 -12.71
N ASP A 218 15.95 7.34 -13.67
CA ASP A 218 15.47 7.09 -15.03
C ASP A 218 14.18 6.26 -15.05
N LEU A 219 14.13 5.19 -14.22
CA LEU A 219 12.96 4.31 -14.11
C LEU A 219 11.78 5.04 -13.46
N ALA A 220 12.06 5.89 -12.45
CA ALA A 220 11.06 6.68 -11.72
C ALA A 220 10.38 7.69 -12.63
N LYS A 221 11.17 8.30 -13.54
CA LYS A 221 10.71 9.28 -14.52
C LYS A 221 9.74 8.64 -15.52
N SER A 222 10.13 7.49 -16.10
CA SER A 222 9.32 6.74 -17.06
C SER A 222 8.09 6.13 -16.36
N GLU A 223 6.90 6.26 -16.96
CA GLU A 223 5.69 5.69 -16.36
C GLU A 223 5.21 4.45 -17.13
N GLY A 224 4.58 3.53 -16.40
CA GLY A 224 4.10 2.26 -16.93
C GLY A 224 4.49 1.10 -16.01
N PRO A 225 4.41 -0.17 -16.46
CA PRO A 225 4.76 -1.28 -15.56
C PRO A 225 6.25 -1.59 -15.48
N LEU A 226 6.68 -2.10 -14.32
CA LEU A 226 8.06 -2.50 -14.03
C LEU A 226 8.04 -3.82 -13.25
N PRO A 227 9.11 -4.67 -13.27
CA PRO A 227 9.05 -5.90 -12.48
C PRO A 227 9.31 -5.61 -11.00
N VAL A 228 9.63 -4.33 -10.70
CA VAL A 228 9.94 -3.81 -9.37
C VAL A 228 8.99 -2.67 -9.00
N ASP A 229 8.77 -2.48 -7.68
CA ASP A 229 7.93 -1.44 -7.09
C ASP A 229 8.45 -0.07 -7.47
N ARG A 230 7.53 0.87 -7.63
CA ARG A 230 7.90 2.24 -7.92
C ARG A 230 8.49 2.88 -6.64
N ALA A 231 8.09 2.35 -5.47
CA ALA A 231 8.53 2.75 -4.14
C ALA A 231 10.01 2.43 -3.92
N LEU A 232 10.51 1.33 -4.55
CA LEU A 232 11.90 0.87 -4.46
C LEU A 232 12.85 1.94 -5.02
N LEU A 233 12.45 2.55 -6.14
CA LEU A 233 13.20 3.61 -6.84
C LEU A 233 13.22 4.87 -5.98
N ASP A 234 12.12 5.12 -5.24
CA ASP A 234 11.99 6.28 -4.35
C ASP A 234 12.94 6.13 -3.19
N VAL A 235 12.98 4.92 -2.59
CA VAL A 235 13.86 4.63 -1.44
C VAL A 235 15.34 4.53 -1.86
N MET A 236 15.62 4.18 -3.15
CA MET A 236 16.97 4.10 -3.71
C MET A 236 17.58 5.50 -3.83
N ALA A 237 16.74 6.55 -3.99
CA ALA A 237 17.21 7.93 -4.07
C ALA A 237 17.80 8.37 -2.73
N THR A 238 17.23 7.86 -1.64
CA THR A 238 17.70 8.18 -0.30
C THR A 238 18.68 7.10 0.22
N ALA A 239 19.09 6.12 -0.61
CA ALA A 239 20.03 5.05 -0.19
C ALA A 239 21.33 5.61 0.36
N ARG A 240 22.01 4.83 1.23
CA ARG A 240 23.25 5.25 1.89
C ARG A 240 24.47 4.47 1.46
N HIS A 241 24.32 3.14 1.26
CA HIS A 241 25.42 2.24 0.93
C HIS A 241 25.30 1.51 -0.40
N ILE A 242 24.20 0.75 -0.62
CA ILE A 242 24.01 -0.08 -1.82
C ILE A 242 24.00 0.78 -3.08
N GLU A 243 24.96 0.53 -4.01
CA GLU A 243 25.11 1.29 -5.24
C GLU A 243 24.34 0.74 -6.43
N ARG A 244 24.29 -0.59 -6.56
CA ARG A 244 23.59 -1.27 -7.66
C ARG A 244 22.70 -2.36 -7.09
N VAL A 245 21.56 -2.59 -7.73
CA VAL A 245 20.70 -3.72 -7.39
C VAL A 245 20.47 -4.48 -8.68
N GLN A 246 20.89 -5.76 -8.74
CA GLN A 246 20.69 -6.56 -9.94
C GLN A 246 19.41 -7.37 -9.86
N VAL A 247 18.62 -7.29 -10.93
CA VAL A 247 17.36 -8.01 -11.14
C VAL A 247 17.70 -9.18 -12.08
N VAL A 248 17.61 -10.42 -11.58
CA VAL A 248 18.02 -11.64 -12.32
C VAL A 248 16.90 -12.68 -12.42
N ASN A 249 16.95 -13.56 -13.45
CA ASN A 249 15.97 -14.61 -13.70
C ASN A 249 16.26 -15.92 -12.91
N GLY A 250 15.46 -16.15 -11.85
CA GLY A 250 15.54 -17.33 -11.00
C GLY A 250 15.09 -18.63 -11.65
N LEU A 251 14.53 -18.53 -12.88
CA LEU A 251 14.10 -19.70 -13.63
C LEU A 251 15.24 -20.24 -14.47
N VAL A 252 16.38 -19.49 -14.47
CA VAL A 252 17.62 -19.87 -15.15
C VAL A 252 18.68 -20.21 -14.07
N PRO A 253 18.96 -21.50 -13.83
CA PRO A 253 19.98 -21.85 -12.83
C PRO A 253 21.35 -21.30 -13.20
N GLY A 254 22.06 -20.78 -12.21
CA GLY A 254 23.36 -20.16 -12.37
C GLY A 254 23.33 -18.65 -12.25
N ARG A 255 22.21 -18.01 -12.69
CA ARG A 255 22.04 -16.55 -12.65
C ARG A 255 22.26 -15.97 -11.28
N LEU A 256 21.51 -16.45 -10.25
CA LEU A 256 21.65 -15.98 -8.88
C LEU A 256 23.10 -16.12 -8.36
N THR A 257 23.76 -17.30 -8.63
CA THR A 257 25.12 -17.62 -8.23
C THR A 257 26.08 -16.60 -8.79
N ALA A 258 25.90 -16.31 -10.11
CA ALA A 258 26.66 -15.35 -10.90
C ALA A 258 26.48 -13.92 -10.37
N ALA A 259 25.22 -13.45 -10.27
CA ALA A 259 24.90 -12.10 -9.75
C ALA A 259 25.60 -11.83 -8.40
N LEU A 260 25.53 -12.80 -7.44
CA LEU A 260 26.14 -12.71 -6.11
C LEU A 260 27.66 -12.49 -6.13
N ARG A 261 28.31 -12.83 -7.29
CA ARG A 261 29.75 -12.69 -7.56
C ARG A 261 30.03 -11.41 -8.39
N GLY A 262 29.04 -10.54 -8.52
CA GLY A 262 29.13 -9.29 -9.27
C GLY A 262 29.12 -9.45 -10.77
N GLU A 263 28.75 -10.65 -11.26
CA GLU A 263 28.66 -10.92 -12.70
C GLU A 263 27.38 -10.32 -13.24
N HIS A 264 27.45 -9.64 -14.40
CA HIS A 264 26.31 -8.98 -15.01
C HIS A 264 25.50 -9.96 -15.84
N VAL A 265 24.49 -10.57 -15.20
CA VAL A 265 23.66 -11.59 -15.83
C VAL A 265 22.15 -11.17 -15.96
N GLY A 266 21.82 -9.94 -15.55
CA GLY A 266 20.48 -9.35 -15.63
C GLY A 266 20.52 -7.83 -15.77
N THR A 267 19.53 -7.13 -15.16
CA THR A 267 19.46 -5.67 -15.19
C THR A 267 20.07 -5.11 -13.91
N LEU A 268 21.07 -4.22 -14.04
CA LEU A 268 21.69 -3.55 -12.89
C LEU A 268 20.97 -2.22 -12.73
N ILE A 269 20.45 -1.92 -11.53
CA ILE A 269 19.78 -0.64 -11.25
C ILE A 269 20.69 0.21 -10.36
N ARG A 270 21.24 1.33 -10.89
CA ARG A 270 22.10 2.26 -10.13
C ARG A 270 21.19 3.04 -9.19
N THR A 271 21.57 3.12 -7.91
CA THR A 271 20.76 3.75 -6.87
C THR A 271 20.98 5.25 -6.73
N GLY A 272 22.22 5.70 -6.97
CA GLY A 272 22.55 7.10 -6.79
C GLY A 272 23.08 7.29 -5.39
N VAL A 273 24.17 6.57 -5.12
CA VAL A 273 24.98 6.52 -3.91
C VAL A 273 26.36 6.63 -4.53
N ARG A 274 26.97 7.83 -4.46
CA ARG A 274 28.28 8.08 -5.07
C ARG A 274 29.44 7.30 -4.37
N PRO A 275 30.28 6.56 -5.13
CA PRO A 275 31.40 5.83 -4.49
C PRO A 275 32.57 6.76 -4.10
N ALA A 276 33.64 6.21 -3.46
CA ALA A 276 34.83 6.96 -3.00
C ALA A 276 35.69 7.58 -4.13
N ASP B 4 -16.86 -7.38 -40.05
CA ASP B 4 -17.53 -7.09 -38.78
C ASP B 4 -17.52 -8.32 -37.85
N LYS B 5 -17.81 -8.09 -36.56
CA LYS B 5 -17.90 -9.13 -35.52
C LYS B 5 -19.37 -9.57 -35.30
N ILE B 6 -20.35 -8.85 -35.94
CA ILE B 6 -21.79 -9.14 -35.88
C ILE B 6 -22.13 -10.44 -36.61
N ILE B 7 -22.79 -11.37 -35.91
CA ILE B 7 -23.21 -12.65 -36.47
C ILE B 7 -24.65 -12.60 -36.94
N HIS B 8 -24.85 -12.92 -38.21
CA HIS B 8 -26.16 -13.01 -38.85
C HIS B 8 -26.70 -14.42 -38.54
N LEU B 9 -27.78 -14.50 -37.75
CA LEU B 9 -28.40 -15.75 -37.28
C LEU B 9 -29.52 -16.25 -38.18
N THR B 10 -29.92 -17.52 -37.97
CA THR B 10 -31.03 -18.22 -38.63
C THR B 10 -31.80 -19.02 -37.57
N ASP B 11 -33.08 -19.37 -37.85
CA ASP B 11 -33.96 -20.14 -36.95
C ASP B 11 -33.30 -21.39 -36.40
N ASP B 12 -32.52 -22.07 -37.26
CA ASP B 12 -31.79 -23.29 -36.97
C ASP B 12 -30.55 -22.99 -36.12
N SER B 13 -29.71 -22.04 -36.58
CA SER B 13 -28.45 -21.58 -35.96
C SER B 13 -28.60 -21.05 -34.52
N PHE B 14 -29.82 -20.62 -34.11
CA PHE B 14 -30.13 -20.04 -32.80
C PHE B 14 -29.79 -20.97 -31.59
N ASP B 15 -29.91 -22.31 -31.75
CA ASP B 15 -29.62 -23.29 -30.70
C ASP B 15 -28.12 -23.36 -30.34
N THR B 16 -27.24 -23.35 -31.36
CA THR B 16 -25.77 -23.44 -31.22
C THR B 16 -25.07 -22.08 -31.09
N ASP B 17 -25.63 -21.03 -31.73
CA ASP B 17 -25.06 -19.67 -31.72
C ASP B 17 -25.51 -18.84 -30.52
N VAL B 18 -26.68 -19.14 -29.93
CA VAL B 18 -27.23 -18.36 -28.82
C VAL B 18 -27.36 -19.19 -27.53
N LEU B 19 -28.12 -20.30 -27.56
CA LEU B 19 -28.36 -21.15 -26.40
C LEU B 19 -27.10 -21.91 -25.93
N LYS B 20 -26.38 -22.57 -26.86
CA LYS B 20 -25.18 -23.35 -26.57
C LYS B 20 -23.87 -22.51 -26.58
N ALA B 21 -23.97 -21.18 -26.77
CA ALA B 21 -22.81 -20.28 -26.78
C ALA B 21 -22.57 -19.63 -25.42
N ASP B 22 -21.31 -19.70 -24.95
CA ASP B 22 -20.89 -19.14 -23.66
C ASP B 22 -20.63 -17.63 -23.75
N GLY B 23 -20.89 -16.93 -22.64
CA GLY B 23 -20.73 -15.49 -22.55
C GLY B 23 -21.99 -14.75 -22.96
N ALA B 24 -22.06 -13.47 -22.59
CA ALA B 24 -23.23 -12.63 -22.91
C ALA B 24 -23.34 -12.34 -24.41
N ILE B 25 -24.57 -12.43 -24.94
CA ILE B 25 -24.92 -12.20 -26.34
C ILE B 25 -26.11 -11.23 -26.43
N LEU B 26 -26.02 -10.23 -27.32
CA LEU B 26 -27.11 -9.31 -27.55
C LEU B 26 -27.66 -9.62 -28.95
N VAL B 27 -28.94 -10.04 -29.02
CA VAL B 27 -29.63 -10.41 -30.27
C VAL B 27 -30.67 -9.35 -30.67
N ASP B 28 -30.56 -8.85 -31.92
CA ASP B 28 -31.45 -7.87 -32.49
C ASP B 28 -32.52 -8.58 -33.31
N PHE B 29 -33.78 -8.41 -32.90
CA PHE B 29 -34.90 -8.96 -33.63
C PHE B 29 -35.35 -7.81 -34.51
N TRP B 30 -34.82 -7.77 -35.74
CA TRP B 30 -35.07 -6.68 -36.67
C TRP B 30 -35.73 -7.15 -37.97
N ALA B 31 -36.08 -6.19 -38.84
CA ALA B 31 -36.66 -6.41 -40.17
C ALA B 31 -36.34 -5.16 -40.99
N GLU B 32 -36.13 -5.33 -42.32
CA GLU B 32 -35.79 -4.24 -43.24
C GLU B 32 -36.86 -3.14 -43.34
N TRP B 33 -38.12 -3.49 -43.09
CA TRP B 33 -39.21 -2.52 -43.12
C TRP B 33 -39.20 -1.60 -41.91
N CYS B 34 -38.86 -2.16 -40.74
CA CYS B 34 -38.85 -1.51 -39.44
C CYS B 34 -37.92 -0.30 -39.41
N GLY B 35 -38.53 0.86 -39.26
CA GLY B 35 -37.87 2.16 -39.20
C GLY B 35 -36.94 2.27 -37.99
N PRO B 36 -37.46 2.08 -36.75
CA PRO B 36 -36.57 2.15 -35.57
C PRO B 36 -35.45 1.10 -35.53
N CYS B 37 -35.46 0.12 -36.47
CA CYS B 37 -34.43 -0.92 -36.64
C CYS B 37 -33.32 -0.31 -37.48
N LYS B 38 -33.69 0.30 -38.63
CA LYS B 38 -32.79 0.98 -39.57
C LYS B 38 -31.95 2.04 -38.84
N MET B 39 -32.49 2.58 -37.73
CA MET B 39 -31.88 3.58 -36.85
C MET B 39 -30.89 2.99 -35.84
N ILE B 40 -31.27 1.88 -35.15
CA ILE B 40 -30.41 1.21 -34.16
C ILE B 40 -29.33 0.33 -34.80
N ALA B 41 -29.54 -0.14 -36.05
CA ALA B 41 -28.60 -0.98 -36.81
C ALA B 41 -27.16 -0.40 -36.88
N PRO B 42 -26.93 0.90 -37.24
CA PRO B 42 -25.56 1.43 -37.23
C PRO B 42 -24.99 1.55 -35.82
N ILE B 43 -25.83 1.91 -34.83
CA ILE B 43 -25.50 2.04 -33.41
C ILE B 43 -25.06 0.67 -32.84
N LEU B 44 -25.71 -0.40 -33.31
CA LEU B 44 -25.50 -1.78 -32.89
C LEU B 44 -24.23 -2.42 -33.41
N ASP B 45 -23.81 -2.14 -34.68
CA ASP B 45 -22.56 -2.72 -35.18
C ASP B 45 -21.34 -1.90 -34.73
N GLU B 46 -21.61 -0.67 -34.21
CA GLU B 46 -20.63 0.26 -33.65
C GLU B 46 -20.24 -0.23 -32.24
N ILE B 47 -21.25 -0.61 -31.41
CA ILE B 47 -21.01 -1.13 -30.06
C ILE B 47 -20.35 -2.51 -30.13
N ALA B 48 -20.51 -3.24 -31.26
CA ALA B 48 -19.91 -4.55 -31.50
C ALA B 48 -18.37 -4.49 -31.38
N ASP B 49 -17.75 -3.43 -31.94
CA ASP B 49 -16.31 -3.16 -31.89
C ASP B 49 -15.93 -2.57 -30.52
N GLU B 50 -16.71 -1.57 -30.04
CA GLU B 50 -16.53 -0.91 -28.74
C GLU B 50 -16.63 -1.89 -27.57
N TYR B 51 -17.27 -3.05 -27.80
CA TYR B 51 -17.45 -4.12 -26.82
C TYR B 51 -16.79 -5.42 -27.33
N GLN B 52 -15.52 -5.32 -27.81
CA GLN B 52 -14.75 -6.46 -28.30
C GLN B 52 -14.35 -7.32 -27.10
N GLY B 53 -14.77 -8.58 -27.13
CA GLY B 53 -14.49 -9.57 -26.08
C GLY B 53 -15.33 -9.47 -24.82
N LYS B 54 -16.14 -8.41 -24.70
CA LYS B 54 -17.01 -8.14 -23.56
C LYS B 54 -18.42 -8.70 -23.83
N LEU B 55 -18.94 -8.46 -25.05
CA LEU B 55 -20.27 -8.84 -25.53
C LEU B 55 -20.20 -9.18 -27.03
N THR B 56 -21.05 -10.13 -27.48
CA THR B 56 -21.12 -10.51 -28.90
C THR B 56 -22.49 -10.10 -29.47
N VAL B 57 -22.48 -9.31 -30.56
CA VAL B 57 -23.70 -8.83 -31.20
C VAL B 57 -24.18 -9.83 -32.25
N ALA B 58 -25.50 -10.04 -32.30
CA ALA B 58 -26.18 -10.95 -33.22
C ALA B 58 -27.43 -10.29 -33.81
N LYS B 59 -27.75 -10.61 -35.08
CA LYS B 59 -28.89 -10.07 -35.80
C LYS B 59 -29.76 -11.20 -36.35
N LEU B 60 -31.08 -11.09 -36.19
CA LEU B 60 -32.02 -12.07 -36.73
C LEU B 60 -33.18 -11.38 -37.46
N ASN B 61 -33.10 -11.30 -38.81
CA ASN B 61 -34.14 -10.73 -39.66
C ASN B 61 -35.30 -11.70 -39.63
N ILE B 62 -36.46 -11.22 -39.14
CA ILE B 62 -37.71 -11.97 -38.94
C ILE B 62 -38.30 -12.40 -40.28
N ASP B 63 -38.18 -11.57 -41.31
CA ASP B 63 -38.72 -11.84 -42.64
C ASP B 63 -38.11 -13.10 -43.27
N GLN B 64 -36.82 -13.35 -42.99
CA GLN B 64 -36.06 -14.52 -43.47
C GLN B 64 -36.12 -15.68 -42.44
N ASN B 65 -36.13 -15.34 -41.12
CA ASN B 65 -36.17 -16.27 -39.99
C ASN B 65 -37.39 -15.97 -39.07
N PRO B 66 -38.61 -16.50 -39.38
CA PRO B 66 -39.80 -16.13 -38.59
C PRO B 66 -40.17 -17.05 -37.42
N GLY B 67 -39.40 -18.10 -37.21
CA GLY B 67 -39.66 -19.06 -36.16
C GLY B 67 -39.30 -18.60 -34.77
N THR B 68 -38.05 -18.15 -34.59
CA THR B 68 -37.42 -17.72 -33.32
C THR B 68 -38.19 -16.63 -32.54
N ALA B 69 -38.62 -15.55 -33.22
CA ALA B 69 -39.27 -14.42 -32.56
C ALA B 69 -40.47 -14.82 -31.68
N PRO B 70 -41.53 -15.54 -32.16
CA PRO B 70 -42.66 -15.88 -31.26
C PRO B 70 -42.33 -16.78 -30.07
N LYS B 71 -41.15 -17.45 -30.06
CA LYS B 71 -40.71 -18.33 -28.96
C LYS B 71 -40.45 -17.54 -27.68
N TYR B 72 -40.02 -16.26 -27.80
CA TYR B 72 -39.71 -15.37 -26.67
C TYR B 72 -40.75 -14.24 -26.47
N GLY B 73 -41.88 -14.38 -27.15
CA GLY B 73 -42.98 -13.43 -27.08
C GLY B 73 -42.70 -12.08 -27.71
N ILE B 74 -41.85 -12.07 -28.75
CA ILE B 74 -41.49 -10.85 -29.50
C ILE B 74 -42.74 -10.32 -30.23
N ARG B 75 -43.31 -9.24 -29.68
CA ARG B 75 -44.50 -8.57 -30.22
C ARG B 75 -44.18 -7.09 -30.52
N GLY B 76 -42.89 -6.78 -30.64
CA GLY B 76 -42.34 -5.47 -30.93
C GLY B 76 -41.04 -5.54 -31.72
N ILE B 77 -40.73 -4.48 -32.46
CA ILE B 77 -39.56 -4.42 -33.33
C ILE B 77 -38.96 -2.97 -33.34
N PRO B 78 -37.68 -2.78 -32.96
CA PRO B 78 -36.71 -3.80 -32.57
C PRO B 78 -36.81 -4.14 -31.10
N THR B 79 -36.40 -5.35 -30.75
CA THR B 79 -36.34 -5.84 -29.38
C THR B 79 -34.98 -6.44 -29.22
N LEU B 80 -34.24 -5.94 -28.22
CA LEU B 80 -32.90 -6.46 -27.93
C LEU B 80 -32.96 -7.34 -26.70
N LEU B 81 -32.58 -8.62 -26.86
CA LEU B 81 -32.59 -9.60 -25.77
C LEU B 81 -31.15 -9.91 -25.35
N LEU B 82 -30.84 -9.80 -24.05
CA LEU B 82 -29.50 -10.11 -23.57
C LEU B 82 -29.45 -11.52 -22.97
N PHE B 83 -28.91 -12.47 -23.75
CA PHE B 83 -28.80 -13.87 -23.38
C PHE B 83 -27.56 -14.17 -22.53
N LYS B 84 -27.77 -14.86 -21.38
CA LYS B 84 -26.75 -15.32 -20.45
C LYS B 84 -26.99 -16.80 -20.18
N ASN B 85 -26.13 -17.68 -20.78
CA ASN B 85 -26.15 -19.14 -20.69
C ASN B 85 -27.54 -19.76 -21.05
N GLY B 86 -28.00 -19.49 -22.27
CA GLY B 86 -29.27 -19.99 -22.82
C GLY B 86 -30.55 -19.48 -22.17
N GLU B 87 -30.45 -18.42 -21.34
CA GLU B 87 -31.59 -17.82 -20.63
C GLU B 87 -31.64 -16.30 -20.82
N VAL B 88 -32.84 -15.74 -21.01
CA VAL B 88 -33.02 -14.29 -21.21
C VAL B 88 -32.86 -13.53 -19.88
N ALA B 89 -31.73 -12.78 -19.77
CA ALA B 89 -31.37 -11.98 -18.59
C ALA B 89 -32.12 -10.65 -18.55
N ALA B 90 -32.03 -9.83 -19.61
CA ALA B 90 -32.71 -8.53 -19.71
C ALA B 90 -33.23 -8.26 -21.13
N THR B 91 -34.33 -7.48 -21.23
CA THR B 91 -34.99 -7.13 -22.49
C THR B 91 -35.03 -5.59 -22.69
N LYS B 92 -34.91 -5.13 -23.95
CA LYS B 92 -34.99 -3.71 -24.31
C LYS B 92 -35.71 -3.50 -25.64
N VAL B 93 -37.04 -3.25 -25.53
CA VAL B 93 -37.99 -3.03 -26.63
C VAL B 93 -37.95 -1.57 -27.12
N GLY B 94 -37.85 -1.40 -28.43
CA GLY B 94 -37.85 -0.10 -29.08
C GLY B 94 -36.49 0.43 -29.46
N ALA B 95 -36.48 1.62 -30.07
CA ALA B 95 -35.27 2.31 -30.47
C ALA B 95 -34.63 2.99 -29.26
N LEU B 96 -33.30 3.11 -29.30
CA LEU B 96 -32.44 3.72 -28.28
C LEU B 96 -31.46 4.68 -28.96
N SER B 97 -30.86 5.60 -28.17
CA SER B 97 -29.82 6.51 -28.65
C SER B 97 -28.51 5.74 -28.48
N LYS B 98 -27.39 6.31 -28.93
CA LYS B 98 -26.07 5.67 -28.78
C LYS B 98 -25.74 5.44 -27.27
N GLY B 99 -25.92 6.50 -26.46
CA GLY B 99 -25.67 6.52 -25.02
C GLY B 99 -26.59 5.64 -24.19
N GLN B 100 -27.89 5.61 -24.54
CA GLN B 100 -28.92 4.82 -23.85
C GLN B 100 -28.69 3.31 -23.97
N LEU B 101 -28.06 2.84 -25.07
CA LEU B 101 -27.77 1.42 -25.30
C LEU B 101 -26.66 0.94 -24.38
N LYS B 102 -25.55 1.72 -24.27
CA LYS B 102 -24.39 1.48 -23.40
C LYS B 102 -24.91 1.44 -21.95
N GLU B 103 -25.72 2.46 -21.56
CA GLU B 103 -26.40 2.63 -20.27
C GLU B 103 -27.13 1.33 -19.83
N PHE B 104 -27.81 0.65 -20.79
CA PHE B 104 -28.55 -0.61 -20.59
C PHE B 104 -27.56 -1.80 -20.44
N LEU B 105 -26.65 -1.98 -21.42
CA LEU B 105 -25.64 -3.03 -21.48
C LEU B 105 -24.82 -3.07 -20.18
N ASP B 106 -24.25 -1.91 -19.81
CA ASP B 106 -23.40 -1.72 -18.63
C ASP B 106 -24.12 -2.12 -17.33
N ALA B 107 -25.37 -1.62 -17.13
CA ALA B 107 -26.19 -1.92 -15.94
C ALA B 107 -26.52 -3.41 -15.73
N ASN B 108 -26.27 -4.24 -16.78
CA ASN B 108 -26.51 -5.69 -16.77
C ASN B 108 -25.20 -6.47 -16.80
N LEU B 109 -24.14 -5.90 -17.41
CA LEU B 109 -22.83 -6.56 -17.50
C LEU B 109 -21.82 -6.10 -16.42
N GLU B 110 -22.33 -5.66 -15.24
CA GLU B 110 -21.53 -5.20 -14.07
C GLU B 110 -20.72 -6.34 -13.44
N GLU B 111 -21.37 -7.51 -13.26
CA GLU B 111 -20.75 -8.72 -12.68
C GLU B 111 -19.65 -9.26 -13.61
N GLU B 112 -19.86 -9.14 -14.93
CA GLU B 112 -18.92 -9.57 -15.97
C GLU B 112 -17.70 -8.64 -15.99
N LYS B 113 -17.91 -7.30 -15.82
CA LYS B 113 -16.88 -6.25 -15.76
C LYS B 113 -16.04 -6.41 -14.49
N ARG B 114 -16.71 -6.75 -13.37
CA ARG B 114 -16.08 -6.99 -12.07
C ARG B 114 -15.14 -8.20 -12.16
N LYS B 115 -15.59 -9.29 -12.81
CA LYS B 115 -14.83 -10.52 -13.03
C LYS B 115 -13.61 -10.28 -13.92
N ARG B 116 -13.69 -9.39 -14.92
CA ARG B 116 -12.52 -9.13 -15.78
C ARG B 116 -11.52 -8.18 -15.09
N GLU B 117 -12.02 -7.30 -14.20
CA GLU B 117 -11.20 -6.37 -13.44
C GLU B 117 -10.42 -7.15 -12.38
N GLU B 118 -11.07 -8.16 -11.76
CA GLU B 118 -10.50 -9.07 -10.76
C GLU B 118 -9.36 -9.84 -11.43
N GLU B 119 -9.61 -10.38 -12.65
CA GLU B 119 -8.64 -11.13 -13.46
C GLU B 119 -7.40 -10.29 -13.76
N LEU B 120 -7.61 -8.99 -14.04
CA LEU B 120 -6.57 -8.00 -14.33
C LEU B 120 -5.71 -7.73 -13.09
N LEU B 121 -6.35 -7.71 -11.89
CA LEU B 121 -5.69 -7.51 -10.60
C LEU B 121 -4.87 -8.74 -10.20
N MET B 122 -4.91 -9.83 -10.99
CA MET B 122 -4.19 -11.08 -10.68
C MET B 122 -3.23 -11.53 -11.78
N GLN B 123 -3.24 -10.85 -12.94
CA GLN B 123 -2.39 -11.17 -14.08
C GLN B 123 -1.35 -10.09 -14.35
N ARG B 124 -1.75 -8.81 -14.21
CA ARG B 124 -0.94 -7.61 -14.45
C ARG B 124 -0.13 -7.25 -13.22
N SER B 125 0.94 -6.44 -13.40
CA SER B 125 1.77 -5.98 -12.28
C SER B 125 1.05 -4.91 -11.47
N LEU B 126 1.40 -4.80 -10.17
CA LEU B 126 0.81 -3.80 -9.26
C LEU B 126 1.24 -2.38 -9.64
N THR B 127 2.39 -2.25 -10.37
CA THR B 127 2.92 -0.97 -10.84
C THR B 127 2.16 -0.43 -12.06
N ASP B 128 1.43 -1.32 -12.77
CA ASP B 128 0.62 -0.95 -13.95
C ASP B 128 -0.41 0.12 -13.62
N PRO B 129 -0.48 1.23 -14.41
CA PRO B 129 -1.41 2.31 -14.09
C PRO B 129 -2.91 1.99 -14.19
N GLN B 130 -3.31 1.08 -15.10
CA GLN B 130 -4.72 0.68 -15.29
C GLN B 130 -5.26 -0.04 -14.05
N LEU B 131 -4.40 -0.92 -13.45
CA LEU B 131 -4.68 -1.71 -12.23
C LEU B 131 -4.81 -0.79 -11.01
N GLN B 132 -3.89 0.19 -10.91
CA GLN B 132 -3.81 1.21 -9.87
C GLN B 132 -5.04 2.12 -9.90
N ALA B 133 -5.51 2.45 -11.13
CA ALA B 133 -6.67 3.30 -11.37
C ALA B 133 -7.99 2.60 -11.04
N ALA B 134 -8.07 1.29 -11.32
CA ALA B 134 -9.27 0.47 -11.06
C ALA B 134 -9.47 0.23 -9.56
N ALA B 135 -8.35 0.17 -8.81
CA ALA B 135 -8.28 -0.02 -7.36
C ALA B 135 -8.75 1.23 -6.62
N ALA B 136 -8.34 2.43 -7.09
CA ALA B 136 -8.73 3.72 -6.51
C ALA B 136 -10.24 3.86 -6.56
N ALA B 137 -10.88 3.23 -7.57
CA ALA B 137 -12.32 3.21 -7.81
C ALA B 137 -13.13 2.32 -6.85
N ALA B 138 -12.45 1.54 -5.97
CA ALA B 138 -13.08 0.67 -4.99
C ALA B 138 -13.76 1.48 -3.88
N ALA B 139 -14.62 0.82 -3.07
CA ALA B 139 -15.35 1.47 -1.97
C ALA B 139 -14.40 1.88 -0.84
N ASP B 140 -14.80 2.89 -0.05
CA ASP B 140 -14.00 3.42 1.05
C ASP B 140 -14.67 3.14 2.39
N PHE B 141 -14.06 2.27 3.20
CA PHE B 141 -14.61 1.92 4.51
C PHE B 141 -13.82 2.56 5.64
N ARG B 142 -14.55 3.20 6.57
CA ARG B 142 -13.98 3.81 7.77
C ARG B 142 -14.19 2.84 8.92
N ILE B 143 -13.08 2.32 9.49
CA ILE B 143 -13.09 1.31 10.56
C ILE B 143 -13.67 1.86 11.87
N LEU B 144 -13.18 3.04 12.32
CA LEU B 144 -13.65 3.73 13.53
C LEU B 144 -13.98 5.20 13.14
N PRO B 145 -15.14 5.46 12.47
CA PRO B 145 -15.41 6.82 11.99
C PRO B 145 -15.79 7.85 13.04
N ASP B 146 -16.42 7.42 14.15
CA ASP B 146 -16.86 8.32 15.22
C ASP B 146 -15.78 8.49 16.30
N ALA B 147 -14.58 7.95 16.02
CA ALA B 147 -13.39 8.03 16.87
C ALA B 147 -12.55 9.23 16.45
N THR B 148 -11.76 9.76 17.38
CA THR B 148 -10.87 10.90 17.12
C THR B 148 -9.49 10.60 17.69
N VAL B 149 -8.43 11.00 16.97
CA VAL B 149 -7.04 10.73 17.39
C VAL B 149 -6.41 12.02 17.92
N ILE B 150 -5.81 11.93 19.11
CA ILE B 150 -5.20 13.04 19.84
C ILE B 150 -3.74 12.72 20.11
N LYS B 151 -2.84 13.67 19.85
CA LYS B 151 -1.44 13.47 20.16
C LYS B 151 -1.05 14.31 21.36
N ILE B 152 -0.56 13.66 22.42
CA ILE B 152 -0.11 14.34 23.62
C ILE B 152 1.41 14.46 23.49
N GLY B 153 1.86 15.67 23.13
CA GLY B 153 3.26 15.99 22.89
C GLY B 153 4.24 15.53 23.97
N GLY B 154 5.37 15.02 23.53
CA GLY B 154 6.42 14.53 24.42
C GLY B 154 7.16 15.66 25.08
N GLN B 155 7.89 16.44 24.28
CA GLN B 155 8.67 17.58 24.74
C GLN B 155 7.75 18.72 25.10
N SER B 156 6.68 18.95 24.28
CA SER B 156 5.70 20.02 24.48
C SER B 156 4.81 19.83 25.70
N VAL B 157 4.54 18.56 26.14
CA VAL B 157 3.67 18.42 27.32
C VAL B 157 4.20 17.34 28.31
N ILE B 158 4.31 16.05 27.95
CA ILE B 158 4.69 14.98 28.89
C ILE B 158 6.03 15.25 29.66
N ASP B 159 7.06 15.86 29.02
CA ASP B 159 8.36 16.18 29.63
C ASP B 159 8.28 17.30 30.68
N ARG B 160 7.19 18.05 30.65
CA ARG B 160 6.92 19.13 31.60
C ARG B 160 6.44 18.53 32.91
N GLY B 161 5.64 17.46 32.81
CA GLY B 161 5.11 16.74 33.97
C GLY B 161 3.72 17.17 34.41
N ARG B 162 3.50 17.11 35.74
CA ARG B 162 2.26 17.39 36.48
C ARG B 162 1.49 18.59 35.97
N ALA B 163 2.13 19.78 35.93
CA ALA B 163 1.53 21.06 35.51
C ALA B 163 0.86 21.02 34.13
N ALA B 164 1.43 20.21 33.21
CA ALA B 164 0.94 20.03 31.85
C ALA B 164 0.01 18.83 31.74
N VAL B 165 0.46 17.66 32.25
CA VAL B 165 -0.23 16.38 32.18
C VAL B 165 -1.53 16.30 33.01
N TYR B 166 -1.46 16.46 34.35
CA TYR B 166 -2.64 16.35 35.23
C TYR B 166 -3.89 17.07 34.72
N PRO B 167 -3.83 18.36 34.24
CA PRO B 167 -5.05 19.00 33.73
C PRO B 167 -5.59 18.34 32.48
N LEU B 168 -4.69 17.92 31.55
CA LEU B 168 -5.06 17.26 30.30
C LEU B 168 -5.74 15.91 30.56
N VAL B 169 -5.30 15.20 31.61
CA VAL B 169 -5.91 13.93 32.06
C VAL B 169 -7.37 14.22 32.45
N ASP B 170 -7.60 15.29 33.24
CA ASP B 170 -8.94 15.71 33.68
C ASP B 170 -9.82 16.05 32.48
N GLU B 171 -9.25 16.69 31.46
CA GLU B 171 -9.99 17.03 30.25
C GLU B 171 -10.33 15.75 29.51
N ILE B 172 -9.37 14.80 29.43
CA ILE B 172 -9.53 13.51 28.77
C ILE B 172 -10.63 12.65 29.42
N VAL B 173 -10.54 12.39 30.74
CA VAL B 173 -11.51 11.55 31.49
C VAL B 173 -12.93 12.07 31.33
N ALA B 174 -13.09 13.40 31.18
CA ALA B 174 -14.39 14.04 31.02
C ALA B 174 -14.86 13.97 29.57
N ALA B 175 -14.03 14.42 28.60
CA ALA B 175 -14.35 14.45 27.16
C ALA B 175 -14.72 13.09 26.60
N ARG B 176 -14.12 12.04 27.19
CA ARG B 176 -14.27 10.60 26.95
C ARG B 176 -15.77 10.20 27.01
N LYS B 177 -16.56 10.85 27.88
CA LYS B 177 -18.00 10.61 28.04
C LYS B 177 -18.81 10.98 26.77
N ASN B 178 -18.30 11.95 25.99
CA ASN B 178 -18.97 12.46 24.79
C ASN B 178 -18.33 12.06 23.47
N HIS B 179 -17.00 11.90 23.45
CA HIS B 179 -16.26 11.53 22.25
C HIS B 179 -15.45 10.26 22.48
N LYS B 180 -15.19 9.50 21.40
CA LYS B 180 -14.36 8.28 21.46
C LYS B 180 -12.94 8.70 21.05
N LEU B 181 -11.99 8.61 22.01
CA LEU B 181 -10.61 9.09 21.89
C LEU B 181 -9.56 8.00 21.73
N LEU B 182 -8.56 8.24 20.88
CA LEU B 182 -7.40 7.36 20.71
C LEU B 182 -6.22 8.27 21.08
N ILE B 183 -5.74 8.18 22.31
CA ILE B 183 -4.66 9.03 22.83
C ILE B 183 -3.26 8.45 22.51
N GLY B 184 -2.53 9.14 21.63
CA GLY B 184 -1.16 8.78 21.24
C GLY B 184 -0.13 9.65 21.93
N THR B 185 1.02 9.06 22.27
CA THR B 185 2.09 9.78 22.97
C THR B 185 3.32 10.11 22.13
N GLY B 186 3.99 11.19 22.52
CA GLY B 186 5.25 11.66 21.94
C GLY B 186 6.38 11.05 22.73
N ALA B 187 7.63 11.44 22.43
CA ALA B 187 8.85 10.90 23.05
C ALA B 187 9.58 11.99 23.86
N GLY B 188 10.22 12.92 23.15
CA GLY B 188 10.88 14.05 23.79
C GLY B 188 12.37 13.96 23.97
N THR B 189 12.88 14.63 25.01
CA THR B 189 14.29 14.79 25.31
C THR B 189 15.00 13.47 25.49
N ARG B 190 14.34 12.42 26.04
CA ARG B 190 15.06 11.12 26.16
C ARG B 190 15.37 10.55 24.77
N ALA B 191 14.47 10.80 23.79
CA ALA B 191 14.67 10.41 22.40
C ALA B 191 15.73 11.31 21.72
N ARG B 192 15.78 12.62 22.07
CA ARG B 192 16.78 13.56 21.54
C ARG B 192 18.17 13.14 21.96
N HIS B 193 18.30 12.64 23.20
CA HIS B 193 19.54 12.14 23.78
C HIS B 193 20.00 10.88 23.08
N LEU B 194 19.10 9.91 22.88
CA LEU B 194 19.41 8.67 22.19
C LEU B 194 19.88 8.99 20.80
N TYR B 195 19.12 9.84 20.08
CA TYR B 195 19.45 10.26 18.72
C TYR B 195 20.84 10.85 18.67
N SER B 196 21.17 11.77 19.61
CA SER B 196 22.49 12.39 19.67
C SER B 196 23.60 11.35 19.90
N ILE B 197 23.37 10.36 20.80
CA ILE B 197 24.36 9.30 21.08
C ILE B 197 24.54 8.40 19.86
N ALA B 198 23.43 7.88 19.32
CA ALA B 198 23.41 7.00 18.16
C ALA B 198 24.03 7.64 16.94
N ALA B 199 23.66 8.91 16.68
CA ALA B 199 24.17 9.69 15.56
C ALA B 199 25.65 9.82 15.74
N GLY B 200 26.09 10.03 17.00
CA GLY B 200 27.49 10.14 17.38
C GLY B 200 28.31 8.95 16.93
N LEU B 201 27.67 7.76 16.88
CA LEU B 201 28.26 6.50 16.45
C LEU B 201 28.06 6.20 14.94
N GLY B 202 27.27 7.03 14.28
CA GLY B 202 26.97 6.88 12.86
C GLY B 202 25.97 5.78 12.58
N LEU B 203 25.10 5.50 13.56
CA LEU B 203 24.09 4.46 13.42
C LEU B 203 23.00 4.92 12.50
N PRO B 204 22.42 4.02 11.65
CA PRO B 204 21.38 4.47 10.72
C PRO B 204 20.03 4.83 11.37
N ALA B 205 19.18 5.56 10.60
CA ALA B 205 17.84 5.96 10.99
C ALA B 205 16.96 4.79 11.42
N GLY B 206 17.20 3.60 10.85
CA GLY B 206 16.50 2.39 11.20
C GLY B 206 16.72 2.06 12.67
N VAL B 207 17.99 2.18 13.13
CA VAL B 207 18.38 1.94 14.53
C VAL B 207 17.79 3.03 15.42
N LEU B 208 17.95 4.33 15.03
CA LEU B 208 17.40 5.50 15.79
C LEU B 208 15.90 5.38 16.02
N ALA B 209 15.16 4.91 15.00
CA ALA B 209 13.71 4.69 14.98
C ALA B 209 13.27 3.75 16.09
N GLN B 210 14.08 2.72 16.37
CA GLN B 210 13.80 1.76 17.44
C GLN B 210 14.02 2.41 18.80
N LEU B 211 15.07 3.25 18.93
CA LEU B 211 15.41 3.96 20.16
C LEU B 211 14.29 4.90 20.54
N GLY B 212 13.82 5.73 19.58
CA GLY B 212 12.76 6.69 19.77
C GLY B 212 11.46 6.04 20.21
N SER B 213 11.14 4.89 19.60
CA SER B 213 9.97 4.06 19.89
C SER B 213 9.82 3.76 21.38
N SER B 214 10.92 3.43 22.06
CA SER B 214 10.92 3.13 23.49
C SER B 214 10.47 4.32 24.37
N VAL B 215 10.96 5.55 24.05
CA VAL B 215 10.62 6.77 24.82
C VAL B 215 9.12 7.06 24.71
N ALA B 216 8.56 6.83 23.52
CA ALA B 216 7.15 6.96 23.20
C ALA B 216 6.33 5.88 23.96
N ASP B 217 6.94 4.70 24.22
CA ASP B 217 6.33 3.60 24.99
C ASP B 217 6.25 3.97 26.50
N GLN B 218 7.33 4.59 27.04
CA GLN B 218 7.44 5.03 28.45
C GLN B 218 6.37 6.06 28.73
N ASN B 219 6.26 7.07 27.85
CA ASN B 219 5.30 8.16 27.94
C ASN B 219 3.86 7.63 27.91
N ALA B 220 3.59 6.59 27.07
CA ALA B 220 2.29 5.92 26.96
C ALA B 220 1.96 5.14 28.23
N ALA B 221 2.99 4.59 28.89
CA ALA B 221 2.89 3.81 30.11
C ALA B 221 2.59 4.73 31.28
N MET B 222 3.25 5.91 31.32
CA MET B 222 3.07 6.91 32.35
C MET B 222 1.68 7.58 32.24
N LEU B 223 1.29 7.97 31.02
CA LEU B 223 0.00 8.58 30.75
C LEU B 223 -1.13 7.61 31.05
N GLY B 224 -0.97 6.36 30.61
CA GLY B 224 -1.94 5.29 30.80
C GLY B 224 -2.12 4.81 32.24
N GLN B 225 -1.17 5.16 33.11
CA GLN B 225 -1.23 4.80 34.51
C GLN B 225 -2.15 5.72 35.27
N LEU B 226 -2.15 7.01 34.92
CA LEU B 226 -3.01 8.01 35.55
C LEU B 226 -4.47 7.83 35.09
N LEU B 227 -4.66 7.12 33.98
CA LEU B 227 -5.98 6.87 33.39
C LEU B 227 -6.52 5.47 33.71
N ALA B 228 -5.67 4.58 34.26
CA ALA B 228 -6.05 3.22 34.61
C ALA B 228 -7.23 3.14 35.59
N LYS B 229 -7.28 4.03 36.62
CA LYS B 229 -8.38 4.06 37.59
C LYS B 229 -9.72 4.30 36.91
N HIS B 230 -9.66 4.97 35.74
CA HIS B 230 -10.81 5.32 34.91
C HIS B 230 -11.13 4.26 33.86
N GLY B 231 -10.38 3.15 33.86
CA GLY B 231 -10.56 2.02 32.96
C GLY B 231 -9.97 2.17 31.58
N ILE B 232 -9.32 3.31 31.28
CA ILE B 232 -8.68 3.56 29.99
C ILE B 232 -7.39 2.75 29.88
N PRO B 233 -7.22 1.86 28.87
CA PRO B 233 -6.00 1.03 28.81
C PRO B 233 -4.86 1.52 27.92
N VAL B 234 -3.69 0.88 28.05
CA VAL B 234 -2.56 1.15 27.16
C VAL B 234 -2.56 0.01 26.13
N VAL B 235 -2.40 0.34 24.83
CA VAL B 235 -2.47 -0.64 23.75
C VAL B 235 -1.20 -0.72 22.91
N GLY B 236 -1.02 -1.85 22.25
CA GLY B 236 0.13 -2.14 21.39
C GLY B 236 0.06 -3.52 20.78
N GLY B 237 1.22 -4.16 20.73
CA GLY B 237 1.38 -5.50 20.18
C GLY B 237 1.53 -5.56 18.66
N ALA B 238 1.56 -4.35 18.02
CA ALA B 238 1.71 -4.14 16.57
C ALA B 238 0.51 -4.67 15.75
N GLY B 239 -0.62 -4.89 16.43
CA GLY B 239 -1.85 -5.40 15.84
C GLY B 239 -3.09 -4.67 16.28
N LEU B 240 -3.00 -3.98 17.46
CA LEU B 240 -4.04 -3.16 18.10
C LEU B 240 -5.36 -3.93 18.24
N SER B 241 -5.25 -5.13 18.82
CA SER B 241 -6.33 -6.09 19.01
C SER B 241 -7.31 -5.66 20.10
N ALA B 242 -6.79 -4.90 21.09
CA ALA B 242 -7.54 -4.41 22.25
C ALA B 242 -8.33 -3.10 22.03
N VAL B 243 -8.00 -2.31 20.98
CA VAL B 243 -8.62 -1.04 20.60
C VAL B 243 -10.16 -1.14 20.44
N PRO B 244 -10.74 -2.11 19.68
CA PRO B 244 -12.21 -2.10 19.51
C PRO B 244 -13.03 -2.17 20.79
N LEU B 245 -12.70 -3.13 21.69
CA LEU B 245 -13.41 -3.33 22.95
C LEU B 245 -13.29 -2.11 23.86
N SER B 246 -12.07 -1.58 24.01
CA SER B 246 -11.77 -0.41 24.82
C SER B 246 -12.50 0.84 24.33
N LEU B 247 -12.54 1.07 23.01
CA LEU B 247 -13.25 2.24 22.46
C LEU B 247 -14.73 2.14 22.70
N ALA B 248 -15.27 0.92 22.62
CA ALA B 248 -16.68 0.64 22.81
C ALA B 248 -17.09 0.83 24.26
N GLU B 249 -16.37 0.18 25.19
CA GLU B 249 -16.73 0.20 26.60
C GLU B 249 -16.30 1.48 27.38
N VAL B 250 -14.99 1.73 27.47
CA VAL B 250 -14.43 2.83 28.24
C VAL B 250 -14.28 4.14 27.44
N ASN B 251 -14.51 4.12 26.11
CA ASN B 251 -14.46 5.27 25.18
C ASN B 251 -13.06 5.94 24.95
N ALA B 252 -11.95 5.35 25.45
CA ALA B 252 -10.60 5.90 25.23
C ALA B 252 -9.47 4.85 25.37
N VAL B 253 -8.31 5.06 24.68
CA VAL B 253 -7.10 4.21 24.77
C VAL B 253 -5.86 5.08 24.72
N VAL B 254 -4.76 4.56 25.29
CA VAL B 254 -3.47 5.21 25.25
C VAL B 254 -2.58 4.28 24.41
N PHE B 255 -2.00 4.82 23.33
CA PHE B 255 -1.10 4.08 22.44
C PHE B 255 0.22 4.86 22.28
N SER B 256 1.29 4.20 21.81
CA SER B 256 2.58 4.84 21.57
C SER B 256 2.62 5.41 20.13
N GLY B 257 2.78 6.71 20.02
CA GLY B 257 2.74 7.42 18.74
C GLY B 257 3.77 7.05 17.69
N MET B 258 4.75 6.18 18.02
CA MET B 258 5.80 5.83 17.07
C MET B 258 5.40 4.83 16.00
N PRO B 259 5.74 5.11 14.71
CA PRO B 259 5.46 4.14 13.64
C PRO B 259 6.20 2.80 13.86
N PRO B 260 5.71 1.66 13.30
CA PRO B 260 6.35 0.36 13.57
C PRO B 260 7.51 -0.01 12.65
N TYR B 261 7.89 0.96 11.78
CA TYR B 261 8.91 0.87 10.73
C TYR B 261 10.23 0.26 11.16
N LYS B 262 10.68 0.57 12.40
CA LYS B 262 11.90 0.08 13.01
C LYS B 262 13.09 0.23 12.05
N LEU B 263 13.75 -0.89 11.68
CA LEU B 263 14.90 -0.92 10.76
C LEU B 263 14.53 -0.68 9.28
N TRP B 264 13.22 -0.79 8.94
CA TRP B 264 12.67 -0.57 7.61
C TRP B 264 12.14 0.89 7.50
N MET B 265 12.66 1.78 8.37
CA MET B 265 12.32 3.20 8.40
C MET B 265 12.94 3.90 7.19
N ARG B 266 12.12 4.61 6.41
CA ARG B 266 12.61 5.34 5.25
C ARG B 266 13.51 6.45 5.79
N PRO B 267 14.78 6.55 5.32
CA PRO B 267 15.64 7.63 5.84
C PRO B 267 15.26 9.01 5.27
N ALA B 268 15.82 10.07 5.90
CA ALA B 268 15.63 11.45 5.48
C ALA B 268 16.50 11.71 4.23
N ALA B 269 16.40 12.89 3.58
CA ALA B 269 17.24 13.24 2.44
C ALA B 269 18.69 13.16 2.88
N GLU B 270 19.01 13.83 4.00
CA GLU B 270 20.32 13.77 4.64
C GLU B 270 20.17 13.67 6.14
N GLY B 271 21.14 13.03 6.79
CA GLY B 271 21.16 12.85 8.23
C GLY B 271 20.49 11.57 8.68
N VAL B 272 20.80 11.14 9.93
CA VAL B 272 20.25 9.89 10.49
C VAL B 272 19.00 10.08 11.39
N ILE B 273 18.46 11.31 11.53
CA ILE B 273 17.24 11.48 12.36
C ILE B 273 16.04 10.85 11.60
N PRO B 274 15.26 9.92 12.22
CA PRO B 274 14.12 9.32 11.49
C PRO B 274 13.12 10.37 11.04
N PRO B 275 12.85 10.49 9.71
CA PRO B 275 11.91 11.52 9.24
C PRO B 275 10.48 11.34 9.74
N TYR B 276 10.07 10.09 9.99
CA TYR B 276 8.74 9.74 10.44
C TYR B 276 8.73 9.41 11.92
N ARG B 277 8.44 10.40 12.76
CA ARG B 277 8.36 10.23 14.20
C ARG B 277 6.89 10.19 14.68
N THR B 278 6.61 10.58 15.95
CA THR B 278 5.28 10.48 16.57
C THR B 278 4.18 11.34 15.90
N ASP B 279 4.52 12.48 15.23
CA ASP B 279 3.46 13.25 14.53
C ASP B 279 2.95 12.36 13.38
N ALA B 280 3.87 11.72 12.63
CA ALA B 280 3.54 10.81 11.52
C ALA B 280 2.85 9.51 11.99
N GLY B 281 3.29 8.95 13.12
CA GLY B 281 2.70 7.73 13.66
C GLY B 281 1.26 7.92 14.07
N CYS B 282 0.99 9.05 14.71
CA CYS B 282 -0.35 9.41 15.17
C CYS B 282 -1.27 9.71 13.99
N PHE B 283 -0.81 10.58 13.08
CA PHE B 283 -1.56 10.95 11.88
C PHE B 283 -2.00 9.74 11.04
N LEU B 284 -1.06 8.83 10.74
CA LEU B 284 -1.37 7.66 9.91
C LEU B 284 -2.29 6.67 10.60
N LEU B 285 -2.32 6.67 11.93
CA LEU B 285 -3.25 5.81 12.66
C LEU B 285 -4.67 6.40 12.56
N ALA B 286 -4.79 7.75 12.52
CA ALA B 286 -6.04 8.48 12.34
C ALA B 286 -6.50 8.30 10.92
N GLU B 287 -5.56 8.31 9.98
CA GLU B 287 -5.80 8.13 8.56
C GLU B 287 -6.27 6.69 8.27
N GLN B 288 -5.60 5.68 8.86
CA GLN B 288 -5.95 4.28 8.63
C GLN B 288 -7.35 3.93 9.12
N PHE B 289 -7.69 4.23 10.38
CA PHE B 289 -9.02 3.92 10.94
C PHE B 289 -10.19 4.73 10.33
N GLY B 290 -9.87 5.84 9.68
CA GLY B 290 -10.87 6.73 9.09
C GLY B 290 -11.57 7.57 10.14
N CYS B 291 -10.79 8.06 11.11
CA CYS B 291 -11.25 8.84 12.26
C CYS B 291 -11.82 10.23 11.88
N LYS B 292 -12.68 10.76 12.77
CA LYS B 292 -13.39 12.05 12.64
C LYS B 292 -12.38 13.20 12.42
N GLN B 293 -11.49 13.39 13.41
CA GLN B 293 -10.46 14.42 13.43
C GLN B 293 -9.17 13.94 14.07
N MET B 294 -8.11 14.72 13.83
CA MET B 294 -6.76 14.52 14.31
C MET B 294 -6.33 15.84 14.97
N ILE B 295 -6.13 15.77 16.29
CA ILE B 295 -5.73 16.91 17.12
C ILE B 295 -4.31 16.69 17.68
N PHE B 296 -3.43 17.68 17.47
CA PHE B 296 -2.08 17.66 18.00
C PHE B 296 -2.09 18.63 19.19
N VAL B 297 -1.89 18.10 20.41
CA VAL B 297 -1.88 18.88 21.64
C VAL B 297 -0.43 19.24 21.97
N LYS B 298 -0.07 20.53 21.81
CA LYS B 298 1.30 21.04 22.00
C LYS B 298 1.40 22.12 23.12
N ASP B 299 2.49 22.94 23.11
CA ASP B 299 2.76 23.97 24.11
C ASP B 299 2.65 25.39 23.60
N GLU B 300 2.24 25.57 22.32
CA GLU B 300 2.03 26.87 21.68
C GLU B 300 0.60 26.94 21.13
N ASP B 301 0.05 28.16 20.96
CA ASP B 301 -1.33 28.39 20.46
C ASP B 301 -1.63 27.71 19.09
N GLY B 302 -0.57 27.47 18.31
CA GLY B 302 -0.60 26.84 16.99
C GLY B 302 0.64 27.18 16.19
N LEU B 303 0.49 27.35 14.87
CA LEU B 303 1.58 27.70 13.97
C LEU B 303 1.79 29.19 13.92
N TYR B 304 3.05 29.61 13.94
CA TYR B 304 3.47 31.00 13.82
C TYR B 304 4.39 31.08 12.58
N THR B 305 4.72 32.32 12.14
CA THR B 305 5.62 32.59 10.99
C THR B 305 7.00 31.98 11.21
N ALA B 306 7.45 31.92 12.48
CA ALA B 306 8.72 31.35 12.94
C ALA B 306 8.54 30.71 14.34
N ASN B 307 9.54 29.93 14.81
CA ASN B 307 9.54 29.30 16.13
C ASN B 307 9.38 30.42 17.20
N PRO B 308 8.28 30.43 17.97
CA PRO B 308 8.07 31.52 18.94
C PRO B 308 8.97 31.48 20.18
N LYS B 309 9.67 30.35 20.38
CA LYS B 309 10.60 30.16 21.49
C LYS B 309 11.91 30.90 21.16
N THR B 310 12.24 30.98 19.85
CA THR B 310 13.43 31.65 19.31
C THR B 310 13.07 32.88 18.42
N SER B 311 11.93 33.55 18.71
CA SER B 311 11.47 34.74 17.99
C SER B 311 10.82 35.75 18.94
N LYS B 312 11.37 36.97 18.98
CA LYS B 312 10.86 38.07 19.81
C LYS B 312 9.43 38.44 19.43
N ASP B 313 9.12 38.39 18.12
CA ASP B 313 7.79 38.67 17.56
C ASP B 313 7.53 37.91 16.26
N ALA B 314 6.65 36.89 16.34
CA ALA B 314 6.20 36.05 15.23
C ALA B 314 4.68 36.22 15.07
N THR B 315 4.17 36.16 13.81
CA THR B 315 2.74 36.31 13.51
C THR B 315 2.05 34.94 13.53
N PHE B 316 0.96 34.82 14.30
CA PHE B 316 0.20 33.56 14.43
C PHE B 316 -0.60 33.28 13.16
N ILE B 317 -0.63 32.00 12.73
CA ILE B 317 -1.38 31.56 11.54
C ILE B 317 -2.56 30.68 11.98
N PRO B 318 -3.82 31.20 12.01
CA PRO B 318 -4.95 30.36 12.47
C PRO B 318 -5.42 29.28 11.47
N ARG B 319 -5.30 29.56 10.16
CA ARG B 319 -5.67 28.65 9.09
C ARG B 319 -4.69 28.79 7.94
N ILE B 320 -4.12 27.64 7.49
CA ILE B 320 -3.12 27.54 6.42
C ILE B 320 -3.24 26.18 5.69
N SER B 321 -2.93 26.15 4.37
CA SER B 321 -2.90 24.90 3.62
C SER B 321 -1.42 24.47 3.48
N VAL B 322 -1.17 23.17 3.23
CA VAL B 322 0.20 22.63 3.10
C VAL B 322 0.97 23.33 1.98
N ASP B 323 0.31 23.59 0.81
CA ASP B 323 0.95 24.30 -0.31
C ASP B 323 1.38 25.68 0.16
N GLU B 324 0.49 26.40 0.89
CA GLU B 324 0.73 27.73 1.48
C GLU B 324 1.85 27.70 2.52
N MET B 325 2.05 26.53 3.17
CA MET B 325 3.09 26.31 4.17
C MET B 325 4.43 26.10 3.49
N LYS B 326 4.45 25.23 2.47
CA LYS B 326 5.64 24.90 1.68
C LYS B 326 6.16 26.16 0.96
N ALA B 327 5.21 26.95 0.38
CA ALA B 327 5.49 28.19 -0.34
C ALA B 327 6.01 29.30 0.58
N LYS B 328 5.67 29.25 1.89
CA LYS B 328 6.16 30.22 2.88
C LYS B 328 7.56 29.81 3.33
N GLY B 329 7.93 28.56 3.05
CA GLY B 329 9.22 27.97 3.38
C GLY B 329 9.49 27.99 4.86
N LEU B 330 8.87 27.07 5.59
CA LEU B 330 9.04 27.02 7.04
C LEU B 330 10.41 26.41 7.46
N HIS B 331 11.25 27.25 8.14
CA HIS B 331 12.59 26.93 8.68
C HIS B 331 12.51 25.79 9.72
N ASP B 332 11.42 25.80 10.52
CA ASP B 332 11.05 24.84 11.57
C ASP B 332 9.51 24.90 11.69
N SER B 333 8.84 23.72 11.58
CA SER B 333 7.38 23.64 11.65
C SER B 333 6.85 23.11 12.99
N ILE B 334 5.54 23.30 13.23
CA ILE B 334 4.85 22.82 14.43
C ILE B 334 4.72 21.29 14.32
N LEU B 335 4.74 20.77 13.06
CA LEU B 335 4.67 19.34 12.72
C LEU B 335 5.76 18.95 11.72
N GLU B 336 6.29 17.70 11.80
CA GLU B 336 7.34 17.15 10.91
C GLU B 336 7.00 17.43 9.46
N PHE B 337 7.98 17.85 8.63
CA PHE B 337 7.73 18.15 7.21
C PHE B 337 7.00 17.00 6.45
N PRO B 338 7.40 15.70 6.56
CA PRO B 338 6.67 14.64 5.81
C PRO B 338 5.18 14.43 6.16
N VAL B 339 4.69 14.94 7.31
CA VAL B 339 3.28 14.80 7.73
C VAL B 339 2.37 15.57 6.79
N LEU B 340 2.85 16.74 6.31
CA LEU B 340 2.12 17.60 5.37
C LEU B 340 2.03 16.93 4.00
N ASP B 341 3.09 16.18 3.61
CA ASP B 341 3.14 15.41 2.37
C ASP B 341 2.22 14.20 2.47
N LEU B 342 2.04 13.68 3.69
CA LEU B 342 1.13 12.57 3.94
C LEU B 342 -0.32 13.10 3.99
N LEU B 343 -0.52 14.33 4.50
CA LEU B 343 -1.84 15.00 4.62
C LEU B 343 -2.49 15.19 3.25
N GLN B 344 -1.69 15.59 2.23
CA GLN B 344 -2.12 15.78 0.85
C GLN B 344 -2.54 14.42 0.24
N SER B 345 -1.76 13.35 0.54
CA SER B 345 -2.03 12.00 0.06
C SER B 345 -3.18 11.32 0.82
N ALA B 346 -3.55 11.84 2.03
CA ALA B 346 -4.57 11.27 2.91
C ALA B 346 -5.95 11.09 2.26
N GLN B 347 -6.65 10.01 2.64
CA GLN B 347 -7.96 9.64 2.10
C GLN B 347 -9.07 9.97 3.07
N HIS B 348 -8.78 9.92 4.38
CA HIS B 348 -9.78 10.14 5.42
C HIS B 348 -9.58 11.41 6.25
N VAL B 349 -8.35 11.71 6.65
CA VAL B 349 -8.02 12.91 7.43
C VAL B 349 -7.38 13.97 6.49
N ARG B 350 -8.25 14.80 5.87
CA ARG B 350 -7.90 15.86 4.91
C ARG B 350 -7.58 17.25 5.57
N GLU B 351 -7.39 17.26 6.90
CA GLU B 351 -6.98 18.40 7.72
C GLU B 351 -6.65 18.01 9.15
N VAL B 352 -5.70 18.73 9.75
CA VAL B 352 -5.26 18.54 11.13
C VAL B 352 -5.45 19.84 11.93
N GLN B 353 -5.50 19.74 13.28
CA GLN B 353 -5.64 20.89 14.16
C GLN B 353 -4.60 20.85 15.27
N VAL B 354 -3.87 21.97 15.47
CA VAL B 354 -2.88 22.06 16.54
C VAL B 354 -3.44 22.97 17.62
N VAL B 355 -3.35 22.53 18.89
CA VAL B 355 -3.90 23.29 20.03
C VAL B 355 -2.88 23.40 21.18
N ASN B 356 -3.02 24.40 22.04
CA ASN B 356 -2.18 24.61 23.22
C ASN B 356 -2.81 23.89 24.42
N GLY B 357 -2.29 22.71 24.74
CA GLY B 357 -2.77 21.90 25.85
C GLY B 357 -2.43 22.44 27.24
N LEU B 358 -1.58 23.48 27.29
CA LEU B 358 -1.18 24.15 28.53
C LEU B 358 -2.28 25.12 28.99
N VAL B 359 -3.17 25.53 28.05
CA VAL B 359 -4.32 26.42 28.24
C VAL B 359 -5.54 25.53 28.54
N PRO B 360 -6.24 25.75 29.67
CA PRO B 360 -7.39 24.89 29.99
C PRO B 360 -8.56 25.06 29.03
N GLY B 361 -9.21 23.95 28.74
CA GLY B 361 -10.39 23.93 27.87
C GLY B 361 -10.09 23.75 26.41
N ASN B 362 -8.86 24.11 25.96
CA ASN B 362 -8.44 24.02 24.57
C ASN B 362 -8.74 22.67 23.93
N LEU B 363 -8.40 21.56 24.62
CA LEU B 363 -8.67 20.21 24.14
C LEU B 363 -10.18 19.99 24.03
N THR B 364 -10.94 20.21 25.14
CA THR B 364 -12.41 20.06 25.20
C THR B 364 -13.13 20.85 24.11
N ARG B 365 -12.71 22.10 23.89
CA ARG B 365 -13.27 23.02 22.89
C ARG B 365 -12.94 22.54 21.49
N ALA B 366 -11.70 22.07 21.26
CA ALA B 366 -11.30 21.59 19.94
C ALA B 366 -12.03 20.30 19.63
N LEU B 367 -12.32 19.50 20.67
CA LEU B 367 -12.99 18.21 20.55
C LEU B 367 -14.44 18.36 20.14
N ALA B 368 -15.13 19.36 20.70
CA ALA B 368 -16.52 19.68 20.38
C ALA B 368 -16.69 20.25 18.96
N GLY B 369 -15.57 20.34 18.21
CA GLY B 369 -15.52 20.84 16.83
C GLY B 369 -15.09 22.28 16.65
N GLU B 370 -15.17 23.10 17.71
CA GLU B 370 -14.80 24.52 17.68
C GLU B 370 -13.33 24.71 17.33
N HIS B 371 -13.07 25.57 16.34
CA HIS B 371 -11.72 25.88 15.86
C HIS B 371 -10.99 26.82 16.82
N VAL B 372 -9.98 26.28 17.49
CA VAL B 372 -9.04 27.01 18.33
C VAL B 372 -7.64 26.53 17.92
N GLY B 373 -6.71 27.45 17.73
CA GLY B 373 -5.37 27.12 17.25
C GLY B 373 -5.30 27.04 15.75
N THR B 374 -4.30 26.33 15.21
CA THR B 374 -4.07 26.22 13.78
C THR B 374 -4.68 25.01 13.12
N ILE B 375 -5.42 25.24 12.02
CA ILE B 375 -5.99 24.19 11.19
C ILE B 375 -5.14 24.12 9.94
N ILE B 376 -4.45 22.98 9.73
CA ILE B 376 -3.65 22.76 8.53
C ILE B 376 -4.49 21.86 7.60
N THR B 377 -4.97 22.43 6.48
CA THR B 377 -5.79 21.75 5.47
C THR B 377 -4.92 21.14 4.36
N ALA B 378 -5.33 19.99 3.79
CA ALA B 378 -4.61 19.32 2.71
C ALA B 378 -4.58 20.15 1.40
N SER B 379 -5.75 20.68 1.01
CA SER B 379 -5.89 21.53 -0.18
C SER B 379 -6.67 22.78 0.23
#